data_3KIG
#
_entry.id   3KIG
#
_cell.length_a   42.4
_cell.length_b   41.4
_cell.length_c   72.3
_cell.angle_alpha   90.0
_cell.angle_beta   104.1
_cell.angle_gamma   90.0
#
_symmetry.space_group_name_H-M   'P 1 21 1'
#
loop_
_entity.id
_entity.type
_entity.pdbx_description
1 polymer 'Carbonic anhydrase 2'
2 non-polymer 'ZINC ION'
3 non-polymer 2-azido-N-(2-sulfanylethyl)ethanamide
4 non-polymer 3-ethynylbenzenesulfonamide
5 water water
#
_entity_poly.entity_id   1
_entity_poly.type   'polypeptide(L)'
_entity_poly.pdbx_seq_one_letter_code
;GSPEFMSHHWGYGKHNGPEHWHKDFPIAKGERQSPVDIDTHTAKYDPSLKPLSVSYDQATSLRILNNGCAFNVEFDDSQD
KAVLKGGPLDGTYRLIQFHFHWGSLDGQGSEHTVDKKKYAAELHLVHWNTKYGDFGKAVQQPDGLAVLGIFLKVGSAKPG
LQKVVDVLDSIKTKGKSADFTNFDPRGLLPESLDYWTYPGSLTTPPLLECVTWIVLKEPISVSSEQVLKFRKLNFNGEGE
PEELMVDNWRPAQPLKNRQIKASFK
;
_entity_poly.pdbx_strand_id   A
#
loop_
_chem_comp.id
_chem_comp.type
_chem_comp.name
_chem_comp.formula
DA4 non-polymer 3-ethynylbenzenesulfonamide 'C8 H7 N O2 S'
DA9 non-polymer 2-azido-N-(2-sulfanylethyl)ethanamide 'C4 H8 N4 O S'
ZN non-polymer 'ZINC ION' 'Zn 2'
#
# COMPACT_ATOMS: atom_id res chain seq x y z
N HIS A 8 -18.18 -2.98 -7.10
CA HIS A 8 -17.77 -4.38 -7.00
C HIS A 8 -18.38 -5.11 -5.81
N HIS A 9 -18.56 -6.42 -5.94
CA HIS A 9 -19.16 -7.23 -4.88
C HIS A 9 -18.26 -7.40 -3.67
N TRP A 10 -16.95 -7.61 -3.85
CA TRP A 10 -16.06 -7.87 -2.74
C TRP A 10 -15.96 -6.64 -1.84
N GLY A 11 -15.57 -6.91 -0.60
CA GLY A 11 -15.30 -5.88 0.40
C GLY A 11 -14.51 -6.47 1.56
N TYR A 12 -14.79 -5.88 2.73
CA TYR A 12 -14.10 -6.27 3.94
C TYR A 12 -15.04 -6.75 5.03
N GLY A 13 -16.31 -6.90 4.69
CA GLY A 13 -17.29 -7.36 5.66
C GLY A 13 -17.36 -8.84 5.88
N LYS A 14 -18.24 -9.28 6.80
CA LYS A 14 -18.36 -10.71 7.14
C LYS A 14 -18.83 -11.51 5.94
N HIS A 15 -19.69 -10.88 5.13
CA HIS A 15 -20.23 -11.64 4.01
C HIS A 15 -19.50 -11.41 2.69
N ASN A 16 -18.57 -10.48 2.59
CA ASN A 16 -17.88 -10.30 1.31
C ASN A 16 -16.39 -10.04 1.46
N GLY A 17 -15.86 -10.32 2.64
CA GLY A 17 -14.49 -10.04 3.04
C GLY A 17 -13.51 -11.07 2.54
N PRO A 18 -12.28 -10.88 3.00
CA PRO A 18 -11.18 -11.73 2.56
C PRO A 18 -11.43 -13.24 2.51
N GLU A 19 -12.25 -13.74 3.43
CA GLU A 19 -12.47 -15.17 3.47
C GLU A 19 -13.41 -15.62 2.35
N HIS A 20 -14.05 -14.68 1.69
CA HIS A 20 -14.92 -14.97 0.57
C HIS A 20 -14.32 -14.72 -0.80
N TRP A 21 -13.23 -13.96 -0.84
CA TRP A 21 -12.72 -13.50 -2.12
C TRP A 21 -12.38 -14.64 -3.07
N HIS A 22 -11.96 -15.79 -2.55
CA HIS A 22 -11.55 -16.88 -3.43
C HIS A 22 -12.67 -17.40 -4.34
N LYS A 23 -13.92 -17.12 -4.02
CA LYS A 23 -14.98 -17.67 -4.90
C LYS A 23 -14.99 -16.96 -6.24
N ASP A 24 -14.77 -15.65 -6.26
CA ASP A 24 -14.65 -14.94 -7.53
C ASP A 24 -13.23 -14.81 -8.07
N PHE A 25 -12.26 -14.91 -7.18
CA PHE A 25 -10.87 -14.73 -7.50
C PHE A 25 -10.07 -15.93 -6.98
N PRO A 26 -10.11 -17.07 -7.65
CA PRO A 26 -9.48 -18.29 -7.10
C PRO A 26 -8.01 -18.15 -6.81
N ILE A 27 -7.34 -17.18 -7.39
CA ILE A 27 -5.91 -16.97 -7.11
CA ILE A 27 -5.92 -16.95 -7.12
C ILE A 27 -5.67 -16.52 -5.67
N ALA A 28 -6.75 -16.16 -4.97
CA ALA A 28 -6.70 -15.84 -3.57
C ALA A 28 -6.05 -16.98 -2.77
N LYS A 29 -6.13 -18.20 -3.25
CA LYS A 29 -5.48 -19.35 -2.62
C LYS A 29 -4.21 -19.74 -3.38
N GLY A 30 -3.61 -18.80 -4.09
CA GLY A 30 -2.44 -19.08 -4.89
C GLY A 30 -1.14 -19.21 -4.10
N GLU A 31 -0.07 -19.32 -4.88
CA GLU A 31 1.26 -19.61 -4.41
C GLU A 31 2.04 -18.37 -4.04
N ARG A 32 1.62 -17.19 -4.43
CA ARG A 32 2.42 -15.99 -4.07
C ARG A 32 1.50 -14.82 -3.70
N GLN A 33 0.65 -15.10 -2.72
CA GLN A 33 -0.29 -14.11 -2.21
C GLN A 33 0.30 -13.23 -1.12
N SER A 34 -0.24 -12.01 -1.09
CA SER A 34 0.14 -11.01 -0.12
C SER A 34 -1.08 -10.49 0.63
N PRO A 35 -0.89 -9.96 1.84
CA PRO A 35 0.38 -9.79 2.55
C PRO A 35 0.83 -11.07 3.21
N VAL A 36 1.97 -11.04 3.88
CA VAL A 36 2.51 -12.12 4.63
C VAL A 36 3.04 -11.58 5.96
N ASP A 37 3.23 -12.49 6.92
CA ASP A 37 3.99 -12.21 8.11
C ASP A 37 5.47 -12.26 7.80
N ILE A 38 6.21 -11.25 8.23
CA ILE A 38 7.66 -11.18 8.07
C ILE A 38 8.27 -11.66 9.37
N ASP A 39 8.78 -12.89 9.31
CA ASP A 39 9.49 -13.40 10.47
C ASP A 39 10.92 -12.91 10.41
N THR A 40 11.30 -12.01 11.29
CA THR A 40 12.58 -11.33 11.20
C THR A 40 13.74 -12.29 11.47
N HIS A 41 13.46 -13.40 12.14
CA HIS A 41 14.48 -14.39 12.47
C HIS A 41 14.68 -15.40 11.37
N THR A 42 13.78 -15.42 10.38
CA THR A 42 14.16 -16.30 9.29
C THR A 42 14.46 -15.56 8.02
N ALA A 43 14.11 -14.29 7.95
CA ALA A 43 14.49 -13.51 6.79
C ALA A 43 16.00 -13.45 6.72
N LYS A 44 16.53 -13.56 5.51
CA LYS A 44 17.99 -13.57 5.42
C LYS A 44 18.54 -12.40 4.65
N TYR A 45 19.63 -11.85 5.20
CA TYR A 45 20.36 -10.77 4.57
C TYR A 45 20.87 -11.27 3.22
N ASP A 46 20.67 -10.47 2.19
CA ASP A 46 21.09 -10.78 0.84
C ASP A 46 22.08 -9.75 0.32
N PRO A 47 23.34 -10.11 0.19
CA PRO A 47 24.32 -9.20 -0.44
C PRO A 47 24.11 -8.96 -1.92
N SER A 48 23.25 -9.74 -2.58
CA SER A 48 23.01 -9.52 -4.01
C SER A 48 22.15 -8.27 -4.27
N LEU A 49 21.46 -7.81 -3.23
CA LEU A 49 20.55 -6.65 -3.36
C LEU A 49 21.40 -5.39 -3.60
N LYS A 50 21.01 -4.61 -4.59
CA LYS A 50 21.67 -3.35 -4.93
C LYS A 50 21.02 -2.24 -4.12
N PRO A 51 21.67 -1.11 -4.01
CA PRO A 51 21.06 0.04 -3.31
C PRO A 51 19.68 0.35 -3.91
N LEU A 52 18.74 0.63 -3.06
CA LEU A 52 17.39 1.08 -3.39
C LEU A 52 17.44 2.58 -3.71
N SER A 53 16.79 2.92 -4.81
CA SER A 53 16.70 4.30 -5.23
C SER A 53 15.25 4.74 -5.28
N VAL A 54 14.84 5.58 -4.33
CA VAL A 54 13.50 6.18 -4.32
C VAL A 54 13.68 7.60 -4.86
N SER A 55 13.26 7.87 -6.08
CA SER A 55 13.53 9.14 -6.75
CA SER A 55 13.54 9.16 -6.71
C SER A 55 12.23 9.91 -6.96
N TYR A 56 11.84 10.71 -5.98
CA TYR A 56 10.54 11.35 -6.00
C TYR A 56 10.59 12.85 -6.21
N ASP A 57 11.74 13.41 -6.51
CA ASP A 57 11.86 14.86 -6.60
C ASP A 57 10.93 15.49 -7.62
N GLN A 58 10.64 14.78 -8.71
CA GLN A 58 9.78 15.42 -9.72
C GLN A 58 8.35 14.91 -9.74
N ALA A 59 7.93 14.32 -8.61
CA ALA A 59 6.60 13.73 -8.51
C ALA A 59 5.55 14.78 -8.84
N THR A 60 4.55 14.35 -9.60
CA THR A 60 3.44 15.23 -9.97
C THR A 60 2.13 14.61 -9.52
N SER A 61 1.69 14.97 -8.30
CA SER A 61 0.41 14.46 -7.80
C SER A 61 -0.72 15.16 -8.52
N LEU A 62 -1.90 14.54 -8.64
CA LEU A 62 -3.02 15.08 -9.40
C LEU A 62 -4.30 15.21 -8.59
N ARG A 63 -4.67 14.11 -7.91
CA ARG A 63 -6.03 13.98 -7.40
C ARG A 63 -6.04 12.97 -6.27
N ILE A 64 -7.05 13.14 -5.42
CA ILE A 64 -7.27 12.15 -4.36
C ILE A 64 -8.70 11.64 -4.54
N LEU A 65 -8.91 10.34 -4.46
CA LEU A 65 -10.17 9.67 -4.75
C LEU A 65 -10.55 8.73 -3.61
N ASN A 66 -11.78 8.82 -3.15
CA ASN A 66 -12.34 7.78 -2.28
C ASN A 66 -12.95 6.72 -3.21
N ASN A 67 -12.35 5.54 -3.23
CA ASN A 67 -12.87 4.52 -4.15
C ASN A 67 -13.76 3.49 -3.47
N GLY A 68 -14.26 3.84 -2.28
CA GLY A 68 -15.15 2.92 -1.61
C GLY A 68 -14.47 1.94 -0.71
N CYS A 69 -13.16 1.78 -0.85
CA CYS A 69 -12.38 0.85 -0.05
C CYS A 69 -11.20 1.49 0.65
N ALA A 70 -10.57 2.45 0.05
CA ALA A 70 -9.54 3.29 0.62
C ALA A 70 -9.60 4.64 -0.09
N PHE A 71 -8.59 5.48 0.12
CA PHE A 71 -8.44 6.63 -0.76
C PHE A 71 -7.10 6.52 -1.48
N ASN A 72 -7.10 6.92 -2.75
CA ASN A 72 -5.91 6.92 -3.57
C ASN A 72 -5.45 8.34 -3.90
N VAL A 73 -4.18 8.62 -3.66
CA VAL A 73 -3.55 9.82 -4.20
C VAL A 73 -2.86 9.42 -5.51
N GLU A 74 -3.32 10.05 -6.58
CA GLU A 74 -2.90 9.66 -7.90
C GLU A 74 -1.83 10.59 -8.47
N PHE A 75 -0.93 10.02 -9.28
CA PHE A 75 0.15 10.75 -9.89
C PHE A 75 0.11 10.68 -11.41
N ASP A 76 0.75 11.71 -11.96
CA ASP A 76 0.97 11.68 -13.42
C ASP A 76 2.11 10.71 -13.72
N ASP A 77 1.76 9.62 -14.39
CA ASP A 77 2.75 8.58 -14.70
C ASP A 77 2.96 8.51 -16.21
N SER A 78 2.77 9.62 -16.90
CA SER A 78 2.89 9.66 -18.35
C SER A 78 4.34 9.87 -18.78
N GLN A 79 5.22 10.11 -17.80
CA GLN A 79 6.65 10.14 -18.04
C GLN A 79 7.37 9.74 -16.74
N ASP A 80 8.67 9.52 -16.80
CA ASP A 80 9.44 9.13 -15.60
C ASP A 80 9.57 10.29 -14.63
N LYS A 81 8.58 10.61 -13.80
CA LYS A 81 8.69 11.75 -12.90
C LYS A 81 8.98 11.37 -11.45
N ALA A 82 8.46 10.25 -11.04
CA ALA A 82 8.68 9.74 -9.69
C ALA A 82 8.91 8.24 -9.90
N VAL A 83 10.09 7.77 -9.60
CA VAL A 83 10.38 6.36 -9.90
C VAL A 83 11.13 5.70 -8.76
N LEU A 84 10.99 4.39 -8.77
CA LEU A 84 11.68 3.46 -7.91
C LEU A 84 12.55 2.53 -8.74
N LYS A 85 13.79 2.39 -8.29
CA LYS A 85 14.77 1.53 -8.96
C LYS A 85 15.71 0.91 -7.91
N GLY A 86 16.51 -0.05 -8.35
CA GLY A 86 17.49 -0.67 -7.49
C GLY A 86 16.85 -1.66 -6.52
N GLY A 87 17.60 -1.98 -5.46
CA GLY A 87 17.16 -3.04 -4.57
C GLY A 87 17.07 -4.35 -5.35
N PRO A 88 15.92 -5.03 -5.23
CA PRO A 88 15.70 -6.28 -5.96
C PRO A 88 15.27 -6.05 -7.40
N LEU A 89 15.02 -4.80 -7.79
CA LEU A 89 14.37 -4.47 -9.03
C LEU A 89 15.36 -4.37 -10.18
N ASP A 90 14.93 -4.78 -11.34
CA ASP A 90 15.67 -4.53 -12.58
C ASP A 90 14.79 -3.61 -13.39
N GLY A 91 15.35 -2.51 -13.87
CA GLY A 91 14.64 -1.50 -14.60
C GLY A 91 14.02 -0.45 -13.70
N THR A 92 13.04 0.22 -14.31
CA THR A 92 12.47 1.42 -13.74
C THR A 92 10.97 1.26 -13.53
N TYR A 93 10.55 1.63 -12.33
CA TYR A 93 9.16 1.53 -11.95
C TYR A 93 8.57 2.88 -11.61
N ARG A 94 7.49 3.26 -12.29
CA ARG A 94 6.89 4.56 -12.14
C ARG A 94 5.78 4.56 -11.08
N LEU A 95 5.83 5.59 -10.23
CA LEU A 95 4.81 5.81 -9.23
C LEU A 95 3.47 6.18 -9.89
N ILE A 96 2.43 5.41 -9.60
CA ILE A 96 1.12 5.71 -10.15
C ILE A 96 0.16 6.18 -9.06
N GLN A 97 0.24 5.64 -7.85
CA GLN A 97 -0.62 6.10 -6.77
C GLN A 97 -0.07 5.60 -5.44
N PHE A 98 -0.58 6.21 -4.37
CA PHE A 98 -0.43 5.57 -3.07
C PHE A 98 -1.79 5.54 -2.40
N HIS A 99 -1.91 4.64 -1.44
CA HIS A 99 -3.05 4.53 -0.57
C HIS A 99 -2.62 3.88 0.75
N PHE A 100 -3.53 3.80 1.68
CA PHE A 100 -3.32 3.18 2.99
C PHE A 100 -4.34 2.09 3.26
N HIS A 101 -3.94 1.26 4.23
CA HIS A 101 -4.84 0.34 4.92
C HIS A 101 -4.76 0.65 6.40
N TRP A 102 -5.89 0.66 7.12
CA TRP A 102 -5.86 0.99 8.54
C TRP A 102 -6.98 0.28 9.28
N GLY A 103 -6.91 0.42 10.60
CA GLY A 103 -7.79 -0.27 11.50
C GLY A 103 -8.80 0.64 12.16
N SER A 104 -9.64 -0.04 12.90
CA SER A 104 -10.66 0.56 13.78
C SER A 104 -10.04 0.97 15.12
N LEU A 105 -8.91 0.38 15.45
CA LEU A 105 -8.20 0.57 16.69
C LEU A 105 -6.70 0.60 16.42
N ASP A 106 -5.89 1.18 17.29
CA ASP A 106 -4.47 1.33 16.94
C ASP A 106 -3.72 0.01 16.88
N GLY A 107 -4.25 -1.03 17.50
CA GLY A 107 -3.56 -2.32 17.47
C GLY A 107 -3.78 -3.20 16.24
N GLN A 108 -4.44 -2.68 15.20
CA GLN A 108 -4.58 -3.43 13.95
CA GLN A 108 -4.64 -3.42 13.97
C GLN A 108 -4.73 -2.43 12.82
N GLY A 109 -4.54 -2.92 11.59
CA GLY A 109 -4.64 -2.03 10.44
C GLY A 109 -3.66 -2.37 9.33
N SER A 110 -2.44 -2.82 9.72
CA SER A 110 -1.50 -3.17 8.68
C SER A 110 -1.85 -4.52 8.04
N GLU A 111 -1.32 -4.65 6.82
CA GLU A 111 -1.50 -5.90 6.06
C GLU A 111 -0.35 -6.83 6.33
N HIS A 112 0.86 -6.34 6.04
CA HIS A 112 2.02 -7.10 6.48
C HIS A 112 2.09 -7.01 8.01
N THR A 113 2.69 -8.01 8.63
CA THR A 113 2.98 -8.02 10.05
C THR A 113 4.46 -8.35 10.23
N VAL A 114 4.99 -7.99 11.40
CA VAL A 114 6.41 -8.21 11.67
C VAL A 114 6.47 -9.03 12.96
N ASP A 115 6.90 -10.28 12.81
CA ASP A 115 6.88 -11.20 13.93
C ASP A 115 5.49 -11.20 14.61
N LYS A 116 4.48 -11.22 13.75
CA LYS A 116 3.06 -11.24 14.06
C LYS A 116 2.56 -9.90 14.59
N LYS A 117 3.39 -8.88 14.74
CA LYS A 117 2.96 -7.55 15.12
C LYS A 117 2.20 -6.86 13.99
N LYS A 118 1.01 -6.39 14.35
CA LYS A 118 0.23 -5.53 13.50
C LYS A 118 0.47 -4.06 13.85
N TYR A 119 0.68 -3.23 12.85
CA TYR A 119 0.75 -1.80 13.02
C TYR A 119 -0.60 -1.15 12.81
N ALA A 120 -0.66 0.12 13.23
CA ALA A 120 -1.94 0.84 13.12
C ALA A 120 -2.43 1.04 11.67
N ALA A 121 -1.49 1.08 10.74
CA ALA A 121 -1.78 1.30 9.33
C ALA A 121 -0.56 0.95 8.48
N GLU A 122 -0.76 0.92 7.17
CA GLU A 122 0.26 0.62 6.19
C GLU A 122 0.04 1.46 4.94
N LEU A 123 1.08 2.11 4.52
CA LEU A 123 1.13 2.90 3.31
C LEU A 123 1.69 2.07 2.17
N HIS A 124 1.01 2.05 1.03
CA HIS A 124 1.47 1.38 -0.19
C HIS A 124 1.72 2.43 -1.28
N LEU A 125 2.95 2.54 -1.71
CA LEU A 125 3.33 3.38 -2.85
C LEU A 125 3.49 2.44 -4.05
N VAL A 126 2.60 2.57 -5.03
CA VAL A 126 2.45 1.59 -6.09
C VAL A 126 3.14 2.08 -7.37
N HIS A 127 4.02 1.24 -7.94
CA HIS A 127 4.80 1.59 -9.10
C HIS A 127 4.71 0.49 -10.16
N TRP A 128 4.76 0.86 -11.42
CA TRP A 128 4.69 -0.17 -12.47
C TRP A 128 5.91 -0.11 -13.38
N ASN A 129 6.28 -1.27 -13.88
CA ASN A 129 7.50 -1.47 -14.67
C ASN A 129 7.34 -0.91 -16.08
N THR A 130 8.15 0.12 -16.34
CA THR A 130 7.96 0.85 -17.58
C THR A 130 8.21 -0.03 -18.80
N LYS A 131 8.88 -1.17 -18.68
CA LYS A 131 9.07 -2.05 -19.84
C LYS A 131 7.75 -2.52 -20.45
N TYR A 132 6.67 -2.51 -19.67
CA TYR A 132 5.38 -3.00 -20.10
C TYR A 132 4.47 -1.88 -20.56
N GLY A 133 4.90 -0.63 -20.54
CA GLY A 133 4.18 0.40 -21.26
C GLY A 133 2.99 1.03 -20.58
N ASP A 134 2.11 0.28 -19.93
CA ASP A 134 1.05 0.85 -19.12
C ASP A 134 0.77 -0.06 -17.92
N PHE A 135 0.12 0.51 -16.92
CA PHE A 135 -0.21 -0.25 -15.73
C PHE A 135 -1.00 -1.52 -16.00
N GLY A 136 -2.02 -1.40 -16.89
CA GLY A 136 -2.84 -2.55 -17.16
C GLY A 136 -2.12 -3.73 -17.76
N LYS A 137 -1.11 -3.45 -18.58
CA LYS A 137 -0.28 -4.54 -19.08
C LYS A 137 0.69 -5.01 -18.01
N ALA A 138 1.19 -4.10 -17.18
CA ALA A 138 2.17 -4.48 -16.17
C ALA A 138 1.55 -5.47 -15.19
N VAL A 139 0.28 -5.31 -14.82
CA VAL A 139 -0.27 -6.19 -13.78
C VAL A 139 -0.47 -7.62 -14.31
N GLN A 140 -0.32 -7.86 -15.62
CA GLN A 140 -0.37 -9.22 -16.18
C GLN A 140 0.99 -9.91 -16.18
N GLN A 141 2.01 -9.33 -15.56
CA GLN A 141 3.38 -9.82 -15.58
C GLN A 141 3.89 -10.09 -14.15
N PRO A 142 4.70 -11.13 -13.98
CA PRO A 142 5.19 -11.47 -12.64
C PRO A 142 6.04 -10.39 -11.99
N ASP A 143 6.66 -9.59 -12.84
CA ASP A 143 7.49 -8.49 -12.37
C ASP A 143 6.90 -7.15 -12.81
N GLY A 144 5.57 -7.05 -12.84
CA GLY A 144 4.98 -5.85 -13.39
C GLY A 144 4.91 -4.68 -12.41
N LEU A 145 4.77 -4.93 -11.12
CA LEU A 145 4.62 -3.88 -10.12
C LEU A 145 5.69 -4.02 -9.03
N ALA A 146 5.97 -2.87 -8.43
CA ALA A 146 6.77 -2.82 -7.23
C ALA A 146 6.01 -1.92 -6.26
N VAL A 147 5.70 -2.44 -5.09
CA VAL A 147 5.00 -1.71 -4.07
C VAL A 147 5.94 -1.53 -2.88
N LEU A 148 6.11 -0.27 -2.52
CA LEU A 148 6.86 0.13 -1.34
C LEU A 148 5.88 0.26 -0.20
N GLY A 149 6.05 -0.57 0.80
CA GLY A 149 5.14 -0.63 1.95
C GLY A 149 5.83 -0.01 3.15
N ILE A 150 5.09 0.83 3.84
CA ILE A 150 5.61 1.59 4.98
C ILE A 150 4.59 1.50 6.12
N PHE A 151 5.04 1.00 7.27
CA PHE A 151 4.17 0.89 8.42
C PHE A 151 3.97 2.24 9.11
N LEU A 152 2.78 2.43 9.67
CA LEU A 152 2.47 3.56 10.51
C LEU A 152 2.18 3.10 11.95
N LYS A 153 2.84 3.79 12.88
CA LYS A 153 2.57 3.61 14.28
C LYS A 153 2.07 4.94 14.84
N VAL A 154 1.36 4.88 15.96
CA VAL A 154 0.79 6.09 16.52
C VAL A 154 1.73 6.65 17.59
N GLY A 155 2.11 7.92 17.37
CA GLY A 155 3.04 8.65 18.23
C GLY A 155 2.95 10.12 17.85
N SER A 156 4.08 10.70 17.46
CA SER A 156 4.10 12.10 17.08
C SER A 156 3.51 12.24 15.69
N ALA A 157 2.94 13.36 15.36
CA ALA A 157 2.40 13.67 14.05
C ALA A 157 3.47 13.63 12.96
N LYS A 158 3.04 13.20 11.78
CA LYS A 158 3.89 13.20 10.59
C LYS A 158 3.56 14.43 9.77
N PRO A 159 4.44 15.42 9.76
CA PRO A 159 4.05 16.69 9.12
C PRO A 159 3.68 16.52 7.65
N GLY A 160 4.41 15.65 6.97
CA GLY A 160 4.13 15.47 5.55
C GLY A 160 2.85 14.75 5.23
N LEU A 161 2.19 14.17 6.22
CA LEU A 161 0.89 13.54 6.04
C LEU A 161 -0.27 14.53 6.18
N GLN A 162 0.02 15.67 6.77
CA GLN A 162 -1.08 16.52 7.22
C GLN A 162 -1.86 17.05 6.02
N LYS A 163 -1.26 17.34 4.89
CA LYS A 163 -2.06 17.80 3.76
C LYS A 163 -3.06 16.74 3.31
N VAL A 164 -2.70 15.46 3.39
CA VAL A 164 -3.61 14.36 3.11
C VAL A 164 -4.76 14.36 4.10
N VAL A 165 -4.43 14.37 5.39
CA VAL A 165 -5.49 14.38 6.42
C VAL A 165 -6.45 15.52 6.19
N ASP A 166 -5.95 16.72 5.83
CA ASP A 166 -6.92 17.81 5.81
C ASP A 166 -7.81 17.82 4.59
N VAL A 167 -7.51 17.05 3.55
CA VAL A 167 -8.45 17.04 2.41
C VAL A 167 -9.50 15.95 2.53
N LEU A 168 -9.37 15.06 3.54
CA LEU A 168 -10.29 13.93 3.62
C LEU A 168 -11.73 14.31 3.83
N ASP A 169 -11.94 15.46 4.50
CA ASP A 169 -13.22 16.10 4.67
CA ASP A 169 -13.34 15.85 4.71
C ASP A 169 -14.02 16.23 3.38
N SER A 170 -13.27 16.39 2.30
CA SER A 170 -13.90 16.70 1.02
C SER A 170 -14.13 15.45 0.17
N ILE A 171 -13.64 14.31 0.65
CA ILE A 171 -13.85 13.03 -0.08
C ILE A 171 -14.40 11.96 0.85
N LYS A 172 -15.42 12.36 1.61
CA LYS A 172 -15.86 11.51 2.69
C LYS A 172 -16.44 10.20 2.21
N THR A 173 -17.13 10.22 1.07
CA THR A 173 -17.89 9.08 0.60
C THR A 173 -17.41 8.57 -0.76
N LYS A 174 -17.78 7.33 -1.03
CA LYS A 174 -17.38 6.64 -2.24
C LYS A 174 -17.66 7.43 -3.51
N GLY A 175 -16.64 7.54 -4.36
CA GLY A 175 -16.78 8.26 -5.64
C GLY A 175 -16.42 9.72 -5.61
N LYS A 176 -16.23 10.27 -4.43
CA LYS A 176 -15.78 11.65 -4.35
C LYS A 176 -14.28 11.75 -4.59
N SER A 177 -13.89 12.84 -5.24
CA SER A 177 -12.49 13.17 -5.52
C SER A 177 -12.30 14.67 -5.34
N ALA A 178 -11.02 15.01 -5.17
CA ALA A 178 -10.59 16.37 -5.03
C ALA A 178 -9.22 16.59 -5.68
N ASP A 179 -9.02 17.84 -6.11
CA ASP A 179 -7.73 18.21 -6.66
C ASP A 179 -6.67 17.93 -5.59
N PHE A 180 -5.54 17.35 -5.98
CA PHE A 180 -4.49 17.11 -4.98
C PHE A 180 -3.11 17.27 -5.61
N THR A 181 -2.94 18.45 -6.24
CA THR A 181 -1.70 18.80 -6.90
C THR A 181 -0.66 19.30 -5.91
N ASN A 182 0.60 19.20 -6.38
CA ASN A 182 1.72 19.72 -5.63
C ASN A 182 1.91 19.09 -4.26
N PHE A 183 1.60 17.79 -4.19
CA PHE A 183 1.93 17.04 -2.96
C PHE A 183 3.23 16.28 -3.12
N ASP A 184 4.10 16.31 -2.10
CA ASP A 184 5.43 15.73 -2.20
C ASP A 184 5.46 14.47 -1.36
N PRO A 185 5.47 13.31 -2.01
CA PRO A 185 5.45 12.04 -1.25
C PRO A 185 6.72 11.80 -0.45
N ARG A 186 7.77 12.59 -0.67
CA ARG A 186 9.01 12.42 0.13
C ARG A 186 8.76 12.62 1.63
N GLY A 187 7.74 13.40 1.89
CA GLY A 187 7.38 13.64 3.26
C GLY A 187 6.72 12.50 3.99
N LEU A 188 6.53 11.38 3.33
CA LEU A 188 5.94 10.20 3.97
C LEU A 188 6.96 9.12 4.29
N LEU A 189 8.25 9.36 3.99
CA LEU A 189 9.27 8.34 4.09
C LEU A 189 9.99 8.41 5.44
N PRO A 190 10.37 7.27 6.01
CA PRO A 190 11.17 7.28 7.23
C PRO A 190 12.62 7.58 6.85
N GLU A 191 13.47 7.73 7.86
CA GLU A 191 14.88 8.03 7.67
C GLU A 191 15.60 6.95 6.90
N SER A 192 15.40 5.71 7.35
CA SER A 192 16.10 4.56 6.78
C SER A 192 15.36 3.88 5.62
N LEU A 193 16.11 3.42 4.62
CA LEU A 193 15.50 2.63 3.56
C LEU A 193 15.77 1.14 3.72
N ASP A 194 16.18 0.69 4.91
CA ASP A 194 16.33 -0.73 5.17
C ASP A 194 14.99 -1.41 4.91
N TYR A 195 15.03 -2.57 4.23
CA TYR A 195 13.78 -3.18 3.83
C TYR A 195 13.90 -4.70 3.84
N TRP A 196 12.71 -5.31 3.75
CA TRP A 196 12.51 -6.69 3.39
C TRP A 196 11.85 -6.79 2.01
N THR A 197 12.14 -7.86 1.27
CA THR A 197 11.55 -8.00 -0.07
C THR A 197 11.17 -9.46 -0.34
N TYR A 198 10.07 -9.66 -1.06
CA TYR A 198 9.60 -10.96 -1.41
C TYR A 198 8.67 -10.80 -2.62
N PRO A 199 8.48 -11.86 -3.42
CA PRO A 199 7.51 -11.81 -4.49
C PRO A 199 6.08 -12.10 -4.03
N GLY A 200 5.12 -11.26 -4.41
CA GLY A 200 3.75 -11.42 -3.97
C GLY A 200 2.72 -10.92 -4.94
N SER A 201 1.66 -10.40 -4.34
CA SER A 201 0.46 -10.06 -5.09
C SER A 201 -0.13 -8.71 -4.68
N LEU A 202 -1.10 -8.26 -5.47
CA LEU A 202 -2.03 -7.26 -5.01
C LEU A 202 -2.74 -7.79 -3.75
N THR A 203 -3.08 -6.89 -2.82
CA THR A 203 -3.76 -7.36 -1.62
C THR A 203 -5.26 -7.11 -1.65
N THR A 204 -5.79 -6.67 -2.78
CA THR A 204 -7.20 -6.65 -3.07
C THR A 204 -7.46 -7.37 -4.40
N PRO A 205 -8.68 -7.84 -4.57
CA PRO A 205 -9.07 -8.36 -5.89
C PRO A 205 -8.69 -7.39 -6.98
N PRO A 206 -8.15 -7.80 -8.11
CA PRO A 206 -8.06 -9.20 -8.49
C PRO A 206 -6.92 -10.05 -7.96
N LEU A 207 -6.14 -9.58 -7.00
CA LEU A 207 -5.18 -10.39 -6.29
C LEU A 207 -4.07 -10.95 -7.17
N LEU A 208 -3.81 -10.22 -8.27
CA LEU A 208 -2.84 -10.69 -9.26
C LEU A 208 -1.42 -10.81 -8.71
N GLU A 209 -0.74 -11.87 -9.09
CA GLU A 209 0.57 -12.20 -8.58
C GLU A 209 1.67 -11.54 -9.41
N CYS A 210 1.72 -10.22 -9.32
CA CYS A 210 2.52 -9.34 -10.16
C CYS A 210 3.40 -8.38 -9.38
N VAL A 211 3.53 -8.57 -8.07
CA VAL A 211 4.18 -7.53 -7.26
C VAL A 211 5.51 -8.01 -6.65
N THR A 212 6.52 -7.18 -6.82
CA THR A 212 7.72 -7.26 -5.98
C THR A 212 7.48 -6.39 -4.75
N TRP A 213 7.36 -6.98 -3.57
CA TRP A 213 7.14 -6.19 -2.39
C TRP A 213 8.48 -5.75 -1.79
N ILE A 214 8.48 -4.48 -1.41
CA ILE A 214 9.58 -3.86 -0.71
C ILE A 214 9.00 -3.18 0.54
N VAL A 215 9.22 -3.79 1.71
CA VAL A 215 8.59 -3.34 2.94
C VAL A 215 9.68 -2.76 3.84
N LEU A 216 9.54 -1.47 4.15
CA LEU A 216 10.55 -0.81 4.98
C LEU A 216 10.43 -1.27 6.43
N LYS A 217 11.62 -1.45 7.04
CA LYS A 217 11.70 -1.85 8.43
C LYS A 217 11.28 -0.76 9.40
N GLU A 218 11.67 0.46 9.08
CA GLU A 218 11.40 1.60 9.99
C GLU A 218 10.00 2.14 9.76
N PRO A 219 9.11 2.12 10.73
CA PRO A 219 7.81 2.74 10.55
C PRO A 219 7.90 4.26 10.65
N ILE A 220 6.88 4.91 10.10
CA ILE A 220 6.70 6.34 10.32
C ILE A 220 5.72 6.47 11.49
N SER A 221 5.87 7.59 12.21
CA SER A 221 4.96 7.91 13.28
C SER A 221 3.92 8.90 12.76
N VAL A 222 2.67 8.63 13.11
CA VAL A 222 1.59 9.58 12.84
C VAL A 222 0.87 9.82 14.15
N SER A 223 0.14 10.94 14.26
CA SER A 223 -0.55 11.17 15.53
C SER A 223 -1.89 10.46 15.59
N SER A 224 -2.39 10.29 16.80
CA SER A 224 -3.73 9.75 17.01
C SER A 224 -4.76 10.57 16.25
N GLU A 225 -4.59 11.90 16.27
CA GLU A 225 -5.58 12.73 15.55
C GLU A 225 -5.55 12.49 14.05
N GLN A 226 -4.35 12.30 13.50
CA GLN A 226 -4.24 11.97 12.10
C GLN A 226 -4.94 10.66 11.74
N VAL A 227 -4.66 9.57 12.45
CA VAL A 227 -5.29 8.28 12.08
C VAL A 227 -6.78 8.39 12.40
N LEU A 228 -7.15 9.16 13.43
CA LEU A 228 -8.58 9.30 13.72
C LEU A 228 -9.37 9.86 12.55
N LYS A 229 -8.74 10.78 11.81
CA LYS A 229 -9.39 11.35 10.64
C LYS A 229 -9.53 10.34 9.52
N PHE A 230 -8.60 9.41 9.34
CA PHE A 230 -8.75 8.35 8.38
C PHE A 230 -10.05 7.60 8.67
N ARG A 231 -10.29 7.37 9.95
CA ARG A 231 -11.42 6.53 10.36
C ARG A 231 -12.76 7.24 10.24
N LYS A 232 -12.76 8.51 9.88
CA LYS A 232 -14.00 9.25 9.66
C LYS A 232 -14.47 9.11 8.23
N LEU A 233 -13.64 8.57 7.36
CA LEU A 233 -14.09 8.30 5.99
C LEU A 233 -15.21 7.27 5.94
N ASN A 234 -15.91 7.21 4.81
CA ASN A 234 -16.98 6.26 4.63
C ASN A 234 -16.72 5.31 3.48
N PHE A 235 -17.10 4.05 3.66
CA PHE A 235 -17.14 3.11 2.56
C PHE A 235 -18.29 3.35 1.59
N ASN A 236 -19.40 3.81 2.16
CA ASN A 236 -20.62 4.03 1.39
C ASN A 236 -20.56 5.29 0.52
N GLY A 237 -21.48 5.31 -0.45
CA GLY A 237 -21.70 6.53 -1.20
C GLY A 237 -22.56 7.55 -0.47
N GLU A 238 -22.56 8.78 -0.95
CA GLU A 238 -23.38 9.83 -0.40
C GLU A 238 -24.85 9.45 -0.36
N GLY A 239 -25.46 9.83 0.76
CA GLY A 239 -26.88 9.59 0.91
C GLY A 239 -27.18 8.15 1.26
N GLU A 240 -26.17 7.33 1.52
CA GLU A 240 -26.46 5.96 1.95
C GLU A 240 -26.15 5.81 3.43
N PRO A 241 -26.63 4.78 4.11
CA PRO A 241 -26.34 4.62 5.54
C PRO A 241 -24.84 4.52 5.80
N GLU A 242 -24.41 5.15 6.88
CA GLU A 242 -22.99 5.31 7.08
C GLU A 242 -22.30 4.03 7.51
N GLU A 243 -21.20 3.74 6.82
CA GLU A 243 -20.32 2.64 7.19
C GLU A 243 -18.91 3.20 7.30
N LEU A 244 -18.39 3.32 8.52
CA LEU A 244 -17.06 3.87 8.58
C LEU A 244 -16.02 3.02 7.86
N MET A 245 -15.15 3.72 7.16
CA MET A 245 -14.02 3.15 6.45
C MET A 245 -12.90 2.86 7.44
N VAL A 246 -12.98 1.61 7.95
CA VAL A 246 -12.03 1.09 8.93
C VAL A 246 -11.83 -0.42 8.64
N ASP A 247 -10.64 -0.90 9.04
CA ASP A 247 -10.33 -2.32 8.90
C ASP A 247 -10.44 -2.78 7.44
N ASN A 248 -9.84 -1.98 6.55
CA ASN A 248 -9.74 -2.30 5.14
C ASN A 248 -8.40 -2.95 4.80
N TRP A 249 -8.03 -3.97 5.59
CA TRP A 249 -6.82 -4.75 5.44
C TRP A 249 -7.12 -6.22 5.28
N ARG A 250 -6.33 -6.85 4.46
CA ARG A 250 -6.30 -8.29 4.29
C ARG A 250 -5.29 -8.91 5.26
N PRO A 251 -5.67 -9.98 5.95
CA PRO A 251 -4.71 -10.60 6.86
C PRO A 251 -3.60 -11.33 6.10
N ALA A 252 -2.57 -11.73 6.86
CA ALA A 252 -1.42 -12.45 6.36
C ALA A 252 -1.85 -13.77 5.72
N GLN A 253 -1.21 -14.07 4.60
CA GLN A 253 -1.46 -15.25 3.80
C GLN A 253 -0.30 -16.22 3.90
N PRO A 254 -0.49 -17.49 3.56
CA PRO A 254 0.61 -18.47 3.66
C PRO A 254 1.81 -18.10 2.80
N LEU A 255 3.02 -18.23 3.34
CA LEU A 255 4.24 -17.87 2.65
C LEU A 255 4.56 -18.87 1.56
N LYS A 256 4.19 -20.11 1.76
CA LYS A 256 4.41 -21.16 0.77
C LYS A 256 5.88 -21.24 0.39
N ASN A 257 6.20 -21.38 -0.89
CA ASN A 257 7.57 -21.58 -1.31
C ASN A 257 8.23 -20.24 -1.65
N ARG A 258 8.31 -19.38 -0.63
CA ARG A 258 8.97 -18.08 -0.74
C ARG A 258 9.93 -17.80 0.40
N GLN A 259 10.97 -17.07 0.04
CA GLN A 259 11.95 -16.55 0.97
C GLN A 259 11.89 -15.03 1.05
N ILE A 260 11.85 -14.52 2.27
CA ILE A 260 11.88 -13.07 2.47
C ILE A 260 13.35 -12.70 2.62
N LYS A 261 13.82 -11.73 1.90
CA LYS A 261 15.21 -11.30 1.96
C LYS A 261 15.30 -9.93 2.64
N ALA A 262 16.32 -9.72 3.45
CA ALA A 262 16.60 -8.49 4.14
C ALA A 262 17.72 -7.72 3.43
N SER A 263 17.59 -6.41 3.36
CA SER A 263 18.58 -5.55 2.73
C SER A 263 19.69 -5.19 3.72
N PHE A 264 19.51 -5.57 4.98
CA PHE A 264 20.39 -5.11 6.06
C PHE A 264 20.92 -6.30 6.83
ZN ZN B . -2.57 -1.59 -0.63
N1 DA9 C . -20.18 0.51 1.01
N2 DA9 C . -19.85 -0.67 1.60
C3 DA9 C . -20.06 -1.91 0.91
C4 DA9 C . -18.70 -2.53 0.62
O5 DA9 C . -18.41 -3.52 1.37
N6 DA9 C . -17.81 -1.72 0.04
C7 DA9 C . -16.53 -2.22 -0.44
C8 DA9 C . -15.36 -1.79 0.50
S9 DA9 C . -13.82 -2.46 -0.21
N10 DA9 C . -21.42 1.15 1.39
N1 DA4 D . -2.94 -2.97 -1.79
S2 DA4 D . -1.96 -3.07 -3.12
O3 DA4 D . -1.54 -4.46 -3.25
O4 DA4 D . -0.91 -2.11 -3.03
C5 DA4 D . -2.98 -2.66 -4.52
C6 DA4 D . -2.64 -1.64 -5.40
C7 DA4 D . -3.47 -1.37 -6.49
C8 DA4 D . -4.64 -2.14 -6.66
C9 DA4 D . -4.96 -3.18 -5.77
C10 DA4 D . -4.13 -3.43 -4.67
C11 DA4 D . -3.21 -0.33 -7.47
C12 DA4 D . -3.39 0.39 -8.43
N1 DA9 E . -15.60 4.98 -6.90
N2 DA9 E . -15.54 3.61 -6.87
C3 DA9 E . -16.02 2.80 -7.93
C4 DA9 E . -15.70 1.34 -7.98
O5 DA9 E . -16.65 0.47 -7.84
N6 DA9 E . -14.60 0.95 -8.71
C7 DA9 E . -14.47 -0.47 -9.05
C8 DA9 E . -13.64 -0.70 -10.35
S9 DA9 E . -14.82 -1.07 -11.70
N10 DA9 E . -14.86 5.60 -8.00
#